data_3N54
#
_entry.id   3N54
#
_cell.length_a   142.785
_cell.length_b   142.785
_cell.length_c   187.827
_cell.angle_alpha   90.00
_cell.angle_beta   90.00
_cell.angle_gamma   120.00
#
_symmetry.space_group_name_H-M   'H 3 2'
#
loop_
_entity.id
_entity.type
_entity.pdbx_description
1 polymer 'Spore germination protein B3'
2 non-polymer 'SULFATE ION'
3 non-polymer 'CHLORIDE ION'
4 water water
#
_entity_poly.entity_id   1
_entity_poly.type   'polypeptide(L)'
_entity_poly.pdbx_seq_one_letter_code
;DIEQLSFARGLAIDETNDHQYKLTYQNLLPQSEDSQASGKPEFVNVTSHGKTILEAVSDVSIKDPPVYSDHLKVILLGEK
LMRNQNVDQVLNHFIRDDELRRSSYLMAARGNAADVFTKGNPNQQQPMPSEKLIDLTTHSGYNGKIMIPLRIGRASVYSQ
NGYSYLIQAVKNEKGKAKYDGAGIIKRGSNKLVGFLSADETQTLSWVMGTIQGGVMPTTDKGHPITFEIKKSKTKIKPVI
ENGKPVFHISVKTKGILTEDQNPNENSFSKSYLHRLENIFEKKLERDVKQVMDKLQHEYKTDPVFLSDHIRIQHPDYWNK
VKGHWDEIFSETDFKYDISFKIINFGTVGK
;
_entity_poly.pdbx_strand_id   B
#
# COMPACT_ATOMS: atom_id res chain seq x y z
N ASP A 1 16.86 -18.68 15.52
CA ASP A 1 16.87 -20.14 15.78
C ASP A 1 17.82 -20.84 14.79
N ILE A 2 18.42 -21.95 15.23
CA ILE A 2 19.44 -22.66 14.45
C ILE A 2 18.87 -23.87 13.70
N GLU A 3 19.12 -23.92 12.40
CA GLU A 3 18.67 -25.02 11.53
C GLU A 3 19.83 -25.92 11.14
N GLN A 4 19.56 -27.21 10.92
CA GLN A 4 20.58 -28.19 10.56
C GLN A 4 21.23 -27.87 9.22
N LEU A 5 22.54 -28.13 9.10
CA LEU A 5 23.31 -27.75 7.92
C LEU A 5 23.15 -28.69 6.73
N SER A 6 23.11 -28.10 5.54
CA SER A 6 23.05 -28.81 4.26
C SER A 6 23.73 -27.94 3.22
N PHE A 7 24.65 -28.51 2.46
CA PHE A 7 25.43 -27.77 1.46
C PHE A 7 25.14 -28.13 0.01
N ALA A 8 24.30 -29.15 -0.20
CA ALA A 8 23.98 -29.62 -1.56
C ALA A 8 22.47 -29.83 -1.71
N ARG A 9 21.98 -29.64 -2.93
CA ARG A 9 20.55 -29.75 -3.21
C ARG A 9 20.21 -30.86 -4.19
N GLY A 10 19.04 -31.45 -3.98
CA GLY A 10 18.50 -32.49 -4.84
C GLY A 10 17.06 -32.16 -5.18
N LEU A 11 16.48 -32.93 -6.10
CA LEU A 11 15.12 -32.69 -6.55
C LEU A 11 14.40 -33.98 -6.91
N ALA A 12 13.16 -34.10 -6.42
CA ALA A 12 12.27 -35.19 -6.79
C ALA A 12 11.20 -34.60 -7.70
N ILE A 13 10.97 -35.24 -8.84
CA ILE A 13 9.87 -34.84 -9.72
C ILE A 13 8.90 -36.01 -9.84
N ASP A 14 7.64 -35.75 -9.48
CA ASP A 14 6.58 -36.73 -9.53
C ASP A 14 5.35 -36.23 -10.27
N GLU A 15 4.55 -37.17 -10.73
CA GLU A 15 3.20 -36.91 -11.18
C GLU A 15 2.32 -37.62 -10.15
N THR A 16 1.38 -36.90 -9.57
CA THR A 16 0.58 -37.44 -8.46
C THR A 16 -0.66 -38.20 -8.93
N ASN A 17 -1.33 -38.86 -7.98
CA ASN A 17 -2.56 -39.63 -8.26
C ASN A 17 -3.68 -38.76 -8.80
N ASP A 18 -3.78 -37.53 -8.29
CA ASP A 18 -4.77 -36.57 -8.79
C ASP A 18 -4.18 -35.70 -9.91
N HIS A 19 -3.28 -36.31 -10.69
CA HIS A 19 -2.72 -35.71 -11.90
C HIS A 19 -2.29 -34.24 -11.75
N GLN A 20 -1.11 -34.07 -11.22
CA GLN A 20 -0.46 -32.78 -11.19
C GLN A 20 1.00 -33.09 -10.97
N TYR A 21 1.85 -32.15 -11.35
CA TYR A 21 3.25 -32.28 -11.13
C TYR A 21 3.57 -31.83 -9.71
N LYS A 22 4.45 -32.56 -9.04
CA LYS A 22 4.92 -32.21 -7.73
C LYS A 22 6.43 -32.28 -7.72
N LEU A 23 7.06 -31.13 -7.59
CA LEU A 23 8.51 -31.04 -7.47
C LEU A 23 8.83 -30.84 -6.00
N THR A 24 9.59 -31.76 -5.41
CA THR A 24 10.01 -31.62 -4.02
C THR A 24 11.52 -31.46 -4.00
N TYR A 25 11.97 -30.25 -3.69
CA TYR A 25 13.40 -29.98 -3.55
C TYR A 25 13.89 -30.59 -2.25
N GLN A 26 15.19 -30.86 -2.18
CA GLN A 26 15.79 -31.59 -1.07
C GLN A 26 17.09 -30.94 -0.62
N ASN A 27 17.27 -30.84 0.70
CA ASN A 27 18.50 -30.35 1.28
C ASN A 27 19.29 -31.59 1.69
N LEU A 28 20.29 -31.93 0.89
CA LEU A 28 21.01 -33.19 1.07
C LEU A 28 21.86 -33.19 2.35
N LEU A 29 21.84 -34.31 3.05
CA LEU A 29 22.59 -34.48 4.28
C LEU A 29 24.07 -34.53 3.95
N PRO A 30 24.90 -33.72 4.64
CA PRO A 30 26.33 -33.78 4.36
C PRO A 30 26.91 -35.17 4.64
N GLN A 31 27.60 -35.75 3.67
CA GLN A 31 28.20 -37.08 3.82
C GLN A 31 29.66 -36.96 4.25
N SER A 32 30.11 -37.87 5.10
CA SER A 32 31.49 -37.89 5.58
C SER A 32 32.42 -38.56 4.57
N GLY A 39 27.67 -49.31 -0.48
CA GLY A 39 26.83 -49.70 -1.62
C GLY A 39 25.38 -49.22 -1.53
N LYS A 40 25.11 -48.35 -0.55
CA LYS A 40 23.77 -47.83 -0.33
C LYS A 40 23.64 -46.41 -0.90
N PRO A 41 22.44 -46.01 -1.33
CA PRO A 41 22.23 -44.72 -1.96
C PRO A 41 22.26 -43.57 -0.93
N GLU A 42 23.44 -43.01 -0.71
CA GLU A 42 23.65 -41.99 0.32
C GLU A 42 22.90 -40.68 0.03
N PHE A 43 22.85 -40.27 -1.24
CA PHE A 43 22.23 -39.01 -1.65
C PHE A 43 20.76 -38.88 -1.24
N VAL A 44 20.13 -40.01 -0.94
CA VAL A 44 18.74 -40.06 -0.53
C VAL A 44 18.50 -39.42 0.82
N ASN A 45 19.52 -39.39 1.68
CA ASN A 45 19.38 -38.80 3.00
C ASN A 45 19.39 -37.29 2.94
N VAL A 46 18.44 -36.68 3.62
CA VAL A 46 18.31 -35.24 3.64
C VAL A 46 18.30 -34.74 5.08
N THR A 47 18.63 -33.48 5.25
CA THR A 47 18.51 -32.84 6.56
C THR A 47 17.05 -32.44 6.70
N SER A 48 16.49 -31.97 5.59
CA SER A 48 15.08 -31.63 5.51
C SER A 48 14.68 -31.60 4.04
N HIS A 49 13.37 -31.61 3.79
CA HIS A 49 12.86 -31.39 2.45
C HIS A 49 12.87 -29.90 2.23
N GLY A 50 13.08 -29.48 0.99
CA GLY A 50 13.08 -28.08 0.63
C GLY A 50 11.69 -27.70 0.17
N LYS A 51 11.60 -26.71 -0.70
CA LYS A 51 10.31 -26.27 -1.19
C LYS A 51 9.63 -27.33 -2.07
N THR A 52 8.30 -27.23 -2.11
CA THR A 52 7.46 -28.08 -2.91
C THR A 52 6.74 -27.20 -3.91
N ILE A 53 6.75 -27.63 -5.18
CA ILE A 53 6.02 -26.94 -6.24
C ILE A 53 4.93 -27.85 -6.78
N LEU A 54 3.68 -27.38 -6.71
CA LEU A 54 2.53 -28.11 -7.22
C LEU A 54 1.99 -27.42 -8.44
N GLU A 55 1.78 -28.17 -9.52
CA GLU A 55 1.25 -27.59 -10.74
C GLU A 55 0.60 -28.62 -11.65
N ALA A 56 -0.55 -28.23 -12.23
CA ALA A 56 -1.21 -29.01 -13.27
C ALA A 56 -0.62 -28.53 -14.59
N VAL A 57 -0.13 -29.43 -15.44
CA VAL A 57 0.41 -29.05 -16.76
C VAL A 57 -0.06 -30.06 -17.84
N SER A 58 -0.54 -29.56 -18.99
CA SER A 58 -1.08 -30.43 -20.05
C SER A 58 0.05 -31.10 -20.84
N ASP A 59 -0.28 -32.20 -21.50
CA ASP A 59 0.68 -32.91 -22.34
C ASP A 59 1.19 -31.97 -23.43
N VAL A 60 0.30 -31.14 -23.96
CA VAL A 60 0.63 -30.15 -24.98
C VAL A 60 1.64 -29.12 -24.45
N SER A 61 1.52 -28.71 -23.18
CA SER A 61 2.45 -27.72 -22.57
C SER A 61 3.83 -28.30 -22.22
N ILE A 62 3.91 -29.61 -21.98
CA ILE A 62 5.18 -30.30 -21.83
C ILE A 62 5.84 -30.37 -23.22
N LYS A 63 5.01 -30.63 -24.21
CA LYS A 63 5.41 -30.75 -25.61
C LYS A 63 5.80 -29.41 -26.26
N ASP A 64 5.13 -28.33 -25.87
CA ASP A 64 5.33 -27.02 -26.48
C ASP A 64 5.93 -26.03 -25.49
N PRO A 65 7.26 -25.91 -25.48
CA PRO A 65 7.89 -25.03 -24.50
C PRO A 65 7.66 -23.55 -24.81
N PRO A 66 7.72 -22.71 -23.77
CA PRO A 66 7.60 -21.26 -23.96
C PRO A 66 8.76 -20.74 -24.81
N VAL A 67 8.51 -19.71 -25.61
CA VAL A 67 9.54 -19.20 -26.52
C VAL A 67 10.15 -17.86 -26.09
N TYR A 68 9.59 -17.24 -25.06
CA TYR A 68 10.13 -15.98 -24.54
C TYR A 68 9.88 -15.89 -23.02
N SER A 69 10.60 -15.00 -22.34
CA SER A 69 10.46 -14.81 -20.90
C SER A 69 9.50 -13.66 -20.61
N ASP A 70 8.35 -13.99 -20.05
CA ASP A 70 7.37 -12.97 -19.68
C ASP A 70 7.63 -12.52 -18.24
N HIS A 71 6.91 -11.48 -17.83
CA HIS A 71 7.13 -10.86 -16.53
C HIS A 71 5.81 -10.75 -15.76
N LEU A 72 5.90 -10.74 -14.44
CA LEU A 72 4.73 -10.59 -13.57
C LEU A 72 4.13 -9.19 -13.68
N LYS A 73 2.82 -9.12 -13.84
CA LYS A 73 2.11 -7.85 -13.93
C LYS A 73 1.72 -7.29 -12.57
N VAL A 74 1.39 -8.18 -11.64
CA VAL A 74 0.94 -7.77 -10.33
C VAL A 74 1.36 -8.78 -9.26
N ILE A 75 1.86 -8.25 -8.14
CA ILE A 75 2.21 -9.03 -6.98
C ILE A 75 1.30 -8.59 -5.83
N LEU A 76 0.57 -9.55 -5.24
CA LEU A 76 -0.32 -9.27 -4.14
C LEU A 76 0.21 -9.94 -2.87
N LEU A 77 0.42 -9.14 -1.83
CA LEU A 77 1.00 -9.63 -0.58
C LEU A 77 -0.07 -9.81 0.49
N GLY A 78 -0.06 -10.98 1.13
CA GLY A 78 -1.01 -11.29 2.20
C GLY A 78 -0.66 -10.56 3.48
N GLU A 79 -1.69 -10.35 4.30
CA GLU A 79 -1.57 -9.53 5.50
C GLU A 79 -0.56 -10.07 6.50
N LYS A 80 -0.67 -11.35 6.83
CA LYS A 80 0.22 -11.95 7.81
C LYS A 80 1.68 -11.84 7.36
N LEU A 81 1.93 -12.03 6.07
CA LEU A 81 3.28 -11.91 5.54
C LEU A 81 3.82 -10.48 5.70
N MET A 82 3.03 -9.49 5.30
CA MET A 82 3.45 -8.10 5.40
C MET A 82 3.67 -7.65 6.86
N ARG A 83 2.87 -8.18 7.78
CA ARG A 83 2.98 -7.82 9.18
C ARG A 83 4.21 -8.43 9.83
N ASN A 84 4.63 -9.61 9.37
CA ASN A 84 5.75 -10.33 10.00
C ASN A 84 7.10 -10.24 9.27
N GLN A 85 7.11 -9.79 8.01
CA GLN A 85 8.35 -9.81 7.23
C GLN A 85 8.61 -8.54 6.45
N ASN A 86 9.90 -8.17 6.39
CA ASN A 86 10.37 -7.08 5.55
C ASN A 86 9.96 -7.42 4.12
N VAL A 87 9.09 -6.60 3.52
CA VAL A 87 8.53 -6.92 2.21
C VAL A 87 9.58 -6.88 1.09
N ASP A 88 10.53 -5.96 1.19
CA ASP A 88 11.61 -5.89 0.22
C ASP A 88 12.46 -7.15 0.25
N GLN A 89 12.78 -7.62 1.45
CA GLN A 89 13.57 -8.83 1.63
C GLN A 89 12.83 -10.05 1.10
N VAL A 90 11.52 -10.11 1.35
CA VAL A 90 10.67 -11.20 0.84
C VAL A 90 10.66 -11.24 -0.69
N LEU A 91 10.38 -10.10 -1.32
CA LEU A 91 10.35 -10.01 -2.78
C LEU A 91 11.70 -10.44 -3.37
N ASN A 92 12.78 -9.92 -2.81
CA ASN A 92 14.11 -10.30 -3.25
C ASN A 92 14.36 -11.80 -3.10
N HIS A 93 13.93 -12.36 -1.99
CA HIS A 93 14.15 -13.78 -1.74
C HIS A 93 13.41 -14.67 -2.72
N PHE A 94 12.15 -14.35 -2.98
CA PHE A 94 11.29 -15.24 -3.76
C PHE A 94 11.14 -14.94 -5.23
N ILE A 95 11.45 -13.72 -5.65
CA ILE A 95 11.23 -13.32 -7.02
C ILE A 95 12.54 -12.94 -7.70
N ARG A 96 12.82 -13.58 -8.84
CA ARG A 96 14.00 -13.25 -9.62
C ARG A 96 13.81 -11.88 -10.23
N ASP A 97 14.89 -11.13 -10.37
CA ASP A 97 14.82 -9.79 -10.96
C ASP A 97 14.17 -9.81 -12.34
N ASP A 98 14.44 -10.85 -13.14
CA ASP A 98 13.87 -10.90 -14.49
C ASP A 98 12.40 -11.35 -14.56
N GLU A 99 11.79 -11.64 -13.41
CA GLU A 99 10.34 -11.86 -13.36
C GLU A 99 9.60 -10.52 -13.18
N LEU A 100 10.34 -9.46 -12.84
CA LEU A 100 9.73 -8.17 -12.54
C LEU A 100 10.18 -7.07 -13.48
N ARG A 101 9.31 -6.08 -13.61
CA ARG A 101 9.57 -4.86 -14.35
C ARG A 101 9.30 -3.69 -13.44
N ARG A 102 9.88 -2.55 -13.79
CA ARG A 102 9.64 -1.31 -13.08
C ARG A 102 8.14 -1.06 -12.93
N SER A 103 7.38 -1.39 -13.97
CA SER A 103 5.93 -1.15 -14.00
C SER A 103 5.04 -2.27 -13.39
N SER A 104 5.63 -3.36 -12.89
CA SER A 104 4.86 -4.39 -12.21
C SER A 104 4.19 -3.78 -10.98
N TYR A 105 2.91 -4.09 -10.76
CA TYR A 105 2.17 -3.52 -9.65
C TYR A 105 2.38 -4.30 -8.36
N LEU A 106 2.40 -3.59 -7.24
CA LEU A 106 2.51 -4.20 -5.93
C LEU A 106 1.29 -3.79 -5.11
N MET A 107 0.61 -4.76 -4.51
CA MET A 107 -0.58 -4.50 -3.73
C MET A 107 -0.69 -5.35 -2.48
N ALA A 108 -1.54 -4.89 -1.56
CA ALA A 108 -1.72 -5.50 -0.27
C ALA A 108 -3.12 -6.11 -0.18
N ALA A 109 -3.20 -7.27 0.47
CA ALA A 109 -4.47 -7.90 0.73
C ALA A 109 -4.76 -7.85 2.21
N ARG A 110 -6.01 -7.56 2.54
CA ARG A 110 -6.47 -7.76 3.90
C ARG A 110 -6.70 -9.27 3.94
N GLY A 111 -6.16 -9.93 4.95
CA GLY A 111 -6.25 -11.38 5.01
C GLY A 111 -5.34 -12.03 3.98
N ASN A 112 -5.73 -13.21 3.54
CA ASN A 112 -4.94 -14.04 2.64
C ASN A 112 -5.00 -13.58 1.16
N ALA A 113 -3.83 -13.36 0.57
CA ALA A 113 -3.73 -12.89 -0.82
C ALA A 113 -4.24 -13.89 -1.86
N ALA A 114 -3.97 -15.18 -1.64
CA ALA A 114 -4.41 -16.22 -2.58
C ALA A 114 -5.94 -16.25 -2.74
N ASP A 115 -6.66 -16.00 -1.65
CA ASP A 115 -8.12 -15.97 -1.68
C ASP A 115 -8.72 -14.79 -2.46
N VAL A 116 -7.93 -13.74 -2.68
CA VAL A 116 -8.42 -12.58 -3.41
C VAL A 116 -8.52 -12.88 -4.91
N PHE A 117 -7.59 -13.67 -5.44
CA PHE A 117 -7.68 -14.10 -6.84
C PHE A 117 -8.78 -15.16 -7.00
N THR A 118 -9.73 -14.92 -7.89
CA THR A 118 -10.84 -15.87 -8.13
C THR A 118 -11.11 -16.07 -9.62
N LYS A 119 -11.55 -17.27 -9.97
CA LYS A 119 -11.85 -17.62 -11.37
C LYS A 119 -12.91 -16.70 -12.00
N GLY A 120 -12.72 -16.39 -13.28
CA GLY A 120 -13.56 -15.45 -14.04
C GLY A 120 -15.03 -15.74 -14.05
N ASN A 121 -15.83 -14.74 -14.44
CA ASN A 121 -17.29 -14.85 -14.41
C ASN A 121 -17.88 -15.74 -15.51
N PRO A 122 -17.67 -15.37 -16.80
CA PRO A 122 -18.33 -16.13 -17.87
C PRO A 122 -17.44 -17.22 -18.47
N LYS A 145 -7.52 1.36 -7.68
CA LYS A 145 -6.83 2.65 -7.62
C LYS A 145 -7.70 3.65 -6.85
N ILE A 146 -7.15 4.78 -6.39
CA ILE A 146 -5.76 5.19 -6.65
C ILE A 146 -4.86 5.13 -5.41
N MET A 147 -3.99 4.12 -5.38
CA MET A 147 -2.97 3.98 -4.34
C MET A 147 -1.71 3.24 -4.84
N ILE A 148 -0.94 3.82 -5.76
CA ILE A 148 -1.24 5.06 -6.46
C ILE A 148 -1.70 4.82 -7.91
N PRO A 149 -1.58 3.58 -8.44
CA PRO A 149 -1.10 2.27 -7.96
C PRO A 149 0.41 2.19 -7.77
N LEU A 150 0.84 1.58 -6.67
CA LEU A 150 2.25 1.45 -6.35
C LEU A 150 2.90 0.44 -7.28
N ARG A 151 3.99 0.85 -7.91
CA ARG A 151 4.75 -0.02 -8.78
C ARG A 151 6.05 -0.42 -8.08
N ILE A 152 6.53 -1.61 -8.42
CA ILE A 152 7.77 -2.18 -7.89
C ILE A 152 8.93 -1.18 -7.90
N GLY A 153 9.05 -0.42 -8.99
CA GLY A 153 10.10 0.59 -9.12
C GLY A 153 10.14 1.52 -7.92
N ARG A 154 9.00 2.15 -7.64
CA ARG A 154 8.88 3.07 -6.53
C ARG A 154 8.97 2.41 -5.17
N ALA A 155 8.21 1.33 -4.98
CA ALA A 155 8.16 0.65 -3.68
C ALA A 155 9.56 0.24 -3.22
N SER A 156 10.34 -0.32 -4.13
CA SER A 156 11.70 -0.74 -3.78
C SER A 156 12.57 0.45 -3.41
N VAL A 157 12.45 1.55 -4.13
CA VAL A 157 13.22 2.75 -3.81
C VAL A 157 12.80 3.32 -2.45
N TYR A 158 11.50 3.27 -2.13
CA TYR A 158 11.02 3.74 -0.82
C TYR A 158 11.66 2.93 0.31
N SER A 159 11.63 1.61 0.19
CA SER A 159 12.24 0.72 1.17
C SER A 159 13.72 1.01 1.38
N GLN A 160 14.45 1.10 0.28
CA GLN A 160 15.89 1.27 0.33
C GLN A 160 16.32 2.60 0.91
N ASN A 161 15.45 3.61 0.82
CA ASN A 161 15.79 4.95 1.28
C ASN A 161 15.16 5.33 2.62
N GLY A 162 14.54 4.37 3.30
CA GLY A 162 14.01 4.59 4.63
C GLY A 162 12.71 5.36 4.73
N TYR A 163 11.84 5.19 3.73
CA TYR A 163 10.53 5.87 3.74
C TYR A 163 9.43 4.92 4.15
N SER A 164 8.49 5.46 4.95
CA SER A 164 7.22 4.80 5.18
C SER A 164 6.35 5.18 4.00
N TYR A 165 5.41 4.32 3.64
CA TYR A 165 4.55 4.58 2.48
C TYR A 165 3.28 3.76 2.52
N LEU A 166 2.35 4.11 1.63
CA LEU A 166 1.09 3.40 1.52
C LEU A 166 1.10 2.48 0.30
N ILE A 167 0.33 1.41 0.40
CA ILE A 167 0.14 0.46 -0.66
C ILE A 167 -1.35 0.17 -0.76
N GLN A 168 -1.92 0.24 -1.97
CA GLN A 168 -3.34 -0.04 -2.19
C GLN A 168 -3.72 -1.39 -1.61
N ALA A 169 -4.82 -1.45 -0.86
CA ALA A 169 -5.29 -2.70 -0.29
C ALA A 169 -6.49 -3.23 -1.07
N VAL A 170 -6.62 -4.57 -1.11
CA VAL A 170 -7.80 -5.21 -1.69
C VAL A 170 -8.37 -6.21 -0.68
N LYS A 171 -9.67 -6.46 -0.76
CA LYS A 171 -10.33 -7.38 0.16
C LYS A 171 -11.36 -8.20 -0.58
N ASN A 172 -11.38 -9.50 -0.26
CA ASN A 172 -12.36 -10.40 -0.82
C ASN A 172 -13.59 -10.34 0.09
N GLU A 173 -14.54 -9.47 -0.25
CA GLU A 173 -15.74 -9.25 0.59
C GLU A 173 -16.86 -10.24 0.31
N LYS A 174 -16.53 -11.52 0.32
CA LYS A 174 -17.48 -12.61 0.07
C LYS A 174 -18.42 -12.31 -1.12
N GLY A 175 -17.86 -12.05 -2.30
CA GLY A 175 -16.41 -11.98 -2.54
C GLY A 175 -16.00 -12.74 -3.78
N LYS A 176 -15.70 -12.08 -4.91
CA LYS A 176 -15.77 -10.62 -5.16
C LYS A 176 -14.68 -9.77 -4.48
N ALA A 177 -13.60 -9.55 -5.24
CA ALA A 177 -12.52 -8.69 -4.80
C ALA A 177 -13.00 -7.24 -4.86
N LYS A 178 -12.33 -6.36 -4.10
CA LYS A 178 -12.72 -4.96 -4.02
C LYS A 178 -11.61 -4.11 -3.42
N TYR A 179 -11.33 -2.95 -4.01
CA TYR A 179 -10.34 -2.02 -3.44
C TYR A 179 -10.86 -1.59 -2.08
N ASP A 180 -9.98 -1.60 -1.07
CA ASP A 180 -10.42 -1.36 0.29
C ASP A 180 -9.35 -0.64 1.12
N GLY A 181 -9.10 0.62 0.77
CA GLY A 181 -8.15 1.44 1.51
C GLY A 181 -6.70 1.14 1.18
N ALA A 182 -5.84 1.28 2.20
CA ALA A 182 -4.41 1.16 2.00
C ALA A 182 -3.68 0.54 3.20
N GLY A 183 -2.63 -0.22 2.92
CA GLY A 183 -1.77 -0.74 3.96
C GLY A 183 -0.73 0.32 4.27
N ILE A 184 -0.26 0.34 5.50
CA ILE A 184 0.77 1.29 5.93
C ILE A 184 2.06 0.52 6.18
N ILE A 185 3.07 0.77 5.36
CA ILE A 185 4.37 0.11 5.50
C ILE A 185 5.31 1.06 6.22
N LYS A 186 5.87 0.61 7.35
CA LYS A 186 6.73 1.46 8.15
C LYS A 186 8.19 1.35 7.74
N ARG A 187 8.89 2.47 7.81
CA ARG A 187 10.30 2.55 7.45
C ARG A 187 11.15 1.69 8.35
N GLY A 188 12.34 1.33 7.88
CA GLY A 188 13.25 0.48 8.63
C GLY A 188 12.84 -0.98 8.55
N SER A 189 11.77 -1.32 9.27
CA SER A 189 11.27 -2.69 9.29
C SER A 189 10.71 -3.11 7.94
N ASN A 190 10.12 -2.16 7.23
CA ASN A 190 9.50 -2.42 5.95
C ASN A 190 8.33 -3.40 6.13
N LYS A 191 7.67 -3.31 7.30
CA LYS A 191 6.53 -4.16 7.64
C LYS A 191 5.25 -3.35 7.66
N LEU A 192 4.14 -4.03 7.42
CA LEU A 192 2.84 -3.39 7.47
C LEU A 192 2.43 -3.25 8.94
N VAL A 193 2.12 -2.03 9.36
CA VAL A 193 1.77 -1.75 10.77
C VAL A 193 0.28 -1.46 10.94
N GLY A 194 -0.45 -1.35 9.85
CA GLY A 194 -1.90 -1.16 9.90
C GLY A 194 -2.50 -0.86 8.54
N PHE A 195 -3.82 -0.70 8.52
CA PHE A 195 -4.56 -0.32 7.31
C PHE A 195 -5.36 0.95 7.53
N LEU A 196 -5.53 1.72 6.47
CA LEU A 196 -6.45 2.83 6.45
C LEU A 196 -7.65 2.36 5.62
N SER A 197 -8.84 2.81 5.98
CA SER A 197 -10.04 2.47 5.23
C SER A 197 -10.04 3.22 3.92
N ALA A 198 -10.95 2.83 3.02
CA ALA A 198 -11.15 3.52 1.76
C ALA A 198 -11.44 5.00 1.99
N ASP A 199 -12.34 5.30 2.92
CA ASP A 199 -12.70 6.69 3.25
C ASP A 199 -11.50 7.45 3.79
N GLU A 200 -10.77 6.84 4.73
CA GLU A 200 -9.60 7.47 5.32
C GLU A 200 -8.52 7.72 4.26
N THR A 201 -8.34 6.77 3.35
CA THR A 201 -7.36 6.91 2.28
C THR A 201 -7.76 8.07 1.37
N GLN A 202 -9.06 8.17 1.06
CA GLN A 202 -9.55 9.27 0.22
C GLN A 202 -9.30 10.61 0.90
N THR A 203 -9.63 10.69 2.18
CA THR A 203 -9.43 11.91 2.95
C THR A 203 -7.98 12.33 2.94
N LEU A 204 -7.10 11.39 3.25
CA LEU A 204 -5.66 11.66 3.33
C LEU A 204 -5.14 12.10 1.97
N SER A 205 -5.54 11.39 0.93
CA SER A 205 -5.14 11.72 -0.43
C SER A 205 -5.64 13.08 -0.89
N TRP A 206 -6.84 13.45 -0.42
CA TRP A 206 -7.49 14.73 -0.76
C TRP A 206 -6.70 15.89 -0.19
N VAL A 207 -6.38 15.80 1.09
CA VAL A 207 -5.67 16.86 1.81
C VAL A 207 -4.22 16.98 1.32
N MET A 208 -3.59 15.86 0.99
CA MET A 208 -2.21 15.86 0.50
C MET A 208 -2.10 16.27 -0.97
N GLY A 209 -3.22 16.33 -1.68
CA GLY A 209 -3.21 16.79 -3.08
C GLY A 209 -2.93 15.72 -4.12
N THR A 210 -2.85 14.46 -3.69
CA THR A 210 -2.61 13.35 -4.61
C THR A 210 -3.91 12.76 -5.16
N ILE A 211 -5.06 13.29 -4.74
CA ILE A 211 -6.36 12.78 -5.18
C ILE A 211 -6.63 13.16 -6.63
N GLN A 212 -7.24 12.24 -7.38
CA GLN A 212 -7.56 12.48 -8.78
C GLN A 212 -9.04 12.86 -8.87
N GLY A 213 -9.90 11.98 -8.36
CA GLY A 213 -11.33 12.21 -8.34
C GLY A 213 -11.93 11.60 -7.08
N GLY A 214 -13.23 11.71 -6.94
CA GLY A 214 -13.94 11.17 -5.79
C GLY A 214 -15.14 12.01 -5.39
N VAL A 215 -15.94 11.50 -4.47
CA VAL A 215 -17.13 12.19 -3.96
C VAL A 215 -17.15 12.24 -2.44
N MET A 216 -17.69 13.32 -1.90
CA MET A 216 -17.93 13.45 -0.47
C MET A 216 -19.43 13.55 -0.23
N PRO A 217 -20.06 12.46 0.25
CA PRO A 217 -21.47 12.51 0.61
C PRO A 217 -21.66 12.89 2.07
N THR A 218 -22.57 13.83 2.32
CA THR A 218 -22.88 14.22 3.69
C THR A 218 -24.31 14.75 3.75
N THR A 219 -24.64 15.54 4.76
CA THR A 219 -25.98 16.07 4.90
C THR A 219 -25.98 17.53 5.35
N ASP A 220 -27.07 18.22 5.01
CA ASP A 220 -27.32 19.57 5.47
C ASP A 220 -28.72 19.55 6.09
N LYS A 221 -28.78 19.63 7.41
CA LYS A 221 -30.04 19.56 8.15
C LYS A 221 -30.82 18.28 7.79
N GLY A 222 -30.09 17.16 7.69
CA GLY A 222 -30.68 15.86 7.38
C GLY A 222 -30.82 15.51 5.90
N HIS A 223 -30.66 16.50 5.02
CA HIS A 223 -30.84 16.28 3.59
C HIS A 223 -29.52 15.89 2.92
N PRO A 224 -29.50 14.75 2.20
CA PRO A 224 -28.27 14.34 1.51
C PRO A 224 -27.72 15.38 0.53
N ILE A 225 -26.42 15.64 0.64
CA ILE A 225 -25.72 16.49 -0.32
C ILE A 225 -24.40 15.83 -0.65
N THR A 226 -24.01 15.88 -1.92
CA THR A 226 -22.77 15.26 -2.37
C THR A 226 -21.95 16.26 -3.18
N PHE A 227 -20.64 16.23 -2.95
CA PHE A 227 -19.68 17.09 -3.62
C PHE A 227 -18.69 16.22 -4.40
N GLU A 228 -18.79 16.25 -5.73
CA GLU A 228 -17.91 15.46 -6.60
C GLU A 228 -16.73 16.31 -7.05
N ILE A 229 -15.52 15.81 -6.83
CA ILE A 229 -14.30 16.53 -7.16
C ILE A 229 -14.08 16.63 -8.67
N LYS A 230 -13.75 17.84 -9.14
CA LYS A 230 -13.36 18.06 -10.53
C LYS A 230 -11.87 18.34 -10.61
N LYS A 231 -11.38 19.25 -9.78
CA LYS A 231 -9.96 19.56 -9.69
C LYS A 231 -9.64 20.01 -8.27
N SER A 232 -8.52 19.53 -7.73
CA SER A 232 -8.09 19.88 -6.38
C SER A 232 -6.59 20.12 -6.31
N LYS A 233 -6.18 21.11 -5.52
CA LYS A 233 -4.78 21.47 -5.37
C LYS A 233 -4.45 21.68 -3.90
N THR A 234 -3.24 21.33 -3.50
CA THR A 234 -2.80 21.51 -2.12
C THR A 234 -1.44 22.19 -2.03
N LYS A 235 -1.34 23.17 -1.14
CA LYS A 235 -0.08 23.83 -0.85
C LYS A 235 0.26 23.57 0.62
N ILE A 236 1.48 23.13 0.87
CA ILE A 236 1.93 22.81 2.23
C ILE A 236 3.10 23.69 2.62
N LYS A 237 2.93 24.46 3.69
CA LYS A 237 3.97 25.36 4.18
C LYS A 237 4.33 25.01 5.63
N PRO A 238 5.44 24.27 5.83
CA PRO A 238 5.87 23.96 7.19
C PRO A 238 6.64 25.13 7.82
N VAL A 239 6.31 25.44 9.07
CA VAL A 239 7.00 26.48 9.83
C VAL A 239 7.46 25.90 11.16
N ILE A 240 8.74 26.11 11.50
CA ILE A 240 9.28 25.59 12.76
C ILE A 240 9.04 26.63 13.84
N GLU A 241 8.30 26.24 14.88
CA GLU A 241 7.99 27.17 15.96
C GLU A 241 7.44 26.49 17.22
N ASN A 242 8.28 26.16 18.20
CA ASN A 242 9.74 26.29 18.17
C ASN A 242 10.32 24.96 18.62
N GLY A 243 11.16 24.38 17.77
CA GLY A 243 11.70 23.05 18.02
C GLY A 243 10.85 21.97 17.37
N LYS A 244 9.55 22.25 17.23
CA LYS A 244 8.60 21.34 16.60
C LYS A 244 8.07 22.00 15.33
N PRO A 245 7.72 21.21 14.31
CA PRO A 245 7.18 21.79 13.09
C PRO A 245 5.66 22.02 13.15
N VAL A 246 5.18 23.01 12.40
CA VAL A 246 3.75 23.28 12.26
C VAL A 246 3.44 23.34 10.77
N PHE A 247 2.69 22.36 10.27
CA PHE A 247 2.34 22.31 8.85
C PHE A 247 1.09 23.12 8.55
N HIS A 248 1.24 24.15 7.73
CA HIS A 248 0.10 24.92 7.23
C HIS A 248 -0.29 24.32 5.89
N ILE A 249 -1.41 23.62 5.86
CA ILE A 249 -1.89 22.97 4.67
C ILE A 249 -3.09 23.71 4.11
N SER A 250 -3.01 24.06 2.84
CA SER A 250 -4.08 24.76 2.14
C SER A 250 -4.65 23.81 1.10
N VAL A 251 -5.96 23.67 1.08
CA VAL A 251 -6.64 22.81 0.11
C VAL A 251 -7.65 23.63 -0.66
N LYS A 252 -7.49 23.66 -1.98
CA LYS A 252 -8.43 24.34 -2.86
C LYS A 252 -8.99 23.29 -3.82
N THR A 253 -10.31 23.11 -3.77
CA THR A 253 -10.98 22.09 -4.57
C THR A 253 -12.21 22.66 -5.28
N LYS A 254 -12.34 22.33 -6.57
CA LYS A 254 -13.49 22.71 -7.36
C LYS A 254 -14.28 21.44 -7.63
N GLY A 255 -15.61 21.52 -7.56
CA GLY A 255 -16.43 20.32 -7.76
C GLY A 255 -17.89 20.53 -8.09
N ILE A 256 -18.56 19.42 -8.40
CA ILE A 256 -19.98 19.41 -8.76
C ILE A 256 -20.82 19.02 -7.54
N LEU A 257 -22.06 19.50 -7.51
CA LEU A 257 -22.96 19.27 -6.38
C LEU A 257 -24.17 18.42 -6.77
N THR A 258 -24.69 17.66 -5.81
CA THR A 258 -25.94 16.89 -5.96
C THR A 258 -26.78 17.17 -4.71
N GLU A 259 -28.10 17.29 -4.90
CA GLU A 259 -29.00 17.80 -3.86
C GLU A 259 -30.26 16.98 -3.55
N ASP A 260 -30.92 17.38 -2.46
CA ASP A 260 -32.21 16.85 -1.99
C ASP A 260 -32.85 17.91 -1.09
N GLN A 261 -34.11 18.26 -1.36
CA GLN A 261 -34.82 19.36 -0.66
C GLN A 261 -34.06 20.70 -0.78
N ASN A 262 -34.44 21.60 -1.70
CA ASN A 262 -35.56 21.46 -2.66
C ASN A 262 -36.93 21.35 -1.99
N PHE A 268 -31.09 29.03 -6.15
CA PHE A 268 -29.65 28.85 -6.10
C PHE A 268 -29.05 29.86 -5.10
N SER A 269 -27.83 30.33 -5.36
CA SER A 269 -27.17 31.28 -4.46
C SER A 269 -25.99 31.99 -5.14
N LYS A 270 -25.36 33.01 -4.56
CA LYS A 270 -25.60 33.63 -3.21
C LYS A 270 -24.92 32.85 -2.06
N SER A 271 -25.28 33.17 -0.82
CA SER A 271 -24.64 32.60 0.37
C SER A 271 -24.93 31.11 0.61
N TYR A 272 -26.02 30.60 0.05
CA TYR A 272 -26.40 29.20 0.23
C TYR A 272 -25.35 28.20 -0.29
N LEU A 273 -24.65 28.55 -1.38
CA LEU A 273 -23.55 27.72 -1.86
C LEU A 273 -22.36 27.86 -0.93
N HIS A 274 -22.08 29.08 -0.48
CA HIS A 274 -21.02 29.32 0.50
C HIS A 274 -21.27 28.49 1.76
N ARG A 275 -22.55 28.37 2.11
CA ARG A 275 -22.96 27.59 3.27
C ARG A 275 -22.68 26.10 3.07
N LEU A 276 -23.08 25.55 1.92
CA LEU A 276 -22.82 24.14 1.61
C LEU A 276 -21.32 23.86 1.52
N GLU A 277 -20.59 24.79 0.91
CA GLU A 277 -19.14 24.71 0.82
C GLU A 277 -18.52 24.57 2.20
N ASN A 278 -19.02 25.36 3.15
CA ASN A 278 -18.53 25.33 4.53
C ASN A 278 -18.76 23.96 5.16
N ILE A 279 -19.92 23.35 4.88
CA ILE A 279 -20.25 22.03 5.41
C ILE A 279 -19.27 20.97 4.89
N PHE A 280 -19.01 20.98 3.58
CA PHE A 280 -18.07 20.03 2.99
C PHE A 280 -16.64 20.27 3.50
N GLU A 281 -16.25 21.54 3.60
CA GLU A 281 -14.92 21.93 4.08
C GLU A 281 -14.68 21.43 5.50
N LYS A 282 -15.64 21.69 6.39
CA LYS A 282 -15.53 21.28 7.79
C LYS A 282 -15.45 19.76 7.93
N LYS A 283 -16.19 19.04 7.09
CA LYS A 283 -16.17 17.58 7.13
C LYS A 283 -14.78 17.05 6.77
N LEU A 284 -14.20 17.55 5.68
CA LEU A 284 -12.87 17.12 5.28
C LEU A 284 -11.88 17.36 6.42
N GLU A 285 -12.00 18.53 7.05
CA GLU A 285 -11.11 18.89 8.14
C GLU A 285 -11.19 17.94 9.32
N ARG A 286 -12.40 17.64 9.78
CA ARG A 286 -12.53 16.75 10.93
C ARG A 286 -12.14 15.32 10.55
N ASP A 287 -12.41 14.92 9.31
CA ASP A 287 -12.03 13.59 8.86
C ASP A 287 -10.51 13.44 8.79
N VAL A 288 -9.81 14.48 8.31
CA VAL A 288 -8.34 14.39 8.23
C VAL A 288 -7.70 14.44 9.61
N LYS A 289 -8.33 15.14 10.55
CA LYS A 289 -7.83 15.20 11.93
C LYS A 289 -7.83 13.80 12.57
N GLN A 290 -8.87 13.03 12.28
CA GLN A 290 -8.98 11.67 12.78
C GLN A 290 -7.87 10.79 12.18
N VAL A 291 -7.66 10.89 10.86
CA VAL A 291 -6.65 10.10 10.18
C VAL A 291 -5.24 10.48 10.66
N MET A 292 -4.97 11.77 10.75
CA MET A 292 -3.68 12.26 11.21
C MET A 292 -3.39 11.82 12.65
N ASP A 293 -4.44 11.73 13.45
CA ASP A 293 -4.29 11.28 14.83
C ASP A 293 -3.87 9.80 14.87
N LYS A 294 -4.44 8.98 13.99
CA LYS A 294 -4.04 7.58 13.86
C LYS A 294 -2.59 7.47 13.37
N LEU A 295 -2.21 8.29 12.40
CA LEU A 295 -0.85 8.26 11.88
C LEU A 295 0.16 8.68 12.95
N GLN A 296 -0.18 9.73 13.69
CA GLN A 296 0.72 10.25 14.71
C GLN A 296 0.80 9.40 15.98
N HIS A 297 -0.33 8.90 16.46
CA HIS A 297 -0.36 8.27 17.79
C HIS A 297 -0.76 6.79 17.83
N GLU A 298 -1.32 6.26 16.75
CA GLU A 298 -1.62 4.83 16.69
C GLU A 298 -0.48 4.13 15.95
N TYR A 299 -0.23 4.54 14.70
CA TYR A 299 0.81 3.90 13.87
C TYR A 299 2.19 4.56 14.03
N LYS A 300 2.21 5.83 14.42
CA LYS A 300 3.45 6.56 14.70
C LYS A 300 4.40 6.62 13.50
N THR A 301 3.85 6.84 12.31
CA THR A 301 4.68 7.04 11.13
C THR A 301 4.01 7.92 10.09
N ASP A 302 4.84 8.56 9.27
CA ASP A 302 4.41 9.44 8.19
C ASP A 302 4.60 8.69 6.88
N PRO A 303 3.50 8.12 6.33
CA PRO A 303 3.58 7.37 5.08
C PRO A 303 3.19 8.19 3.85
N VAL A 304 3.20 9.51 3.98
CA VAL A 304 2.76 10.38 2.89
C VAL A 304 3.79 11.46 2.54
N PHE A 305 5.04 11.20 2.89
CA PHE A 305 6.18 12.03 2.51
C PHE A 305 6.07 13.49 2.97
N LEU A 306 5.45 13.73 4.12
CA LEU A 306 5.42 15.07 4.71
C LEU A 306 6.85 15.54 4.99
N SER A 307 7.71 14.59 5.35
CA SER A 307 9.13 14.84 5.57
C SER A 307 9.78 15.64 4.44
N ASP A 308 9.41 15.33 3.21
CA ASP A 308 10.00 15.99 2.04
C ASP A 308 9.75 17.50 2.00
N HIS A 309 8.63 17.94 2.55
CA HIS A 309 8.29 19.36 2.55
C HIS A 309 9.18 20.17 3.50
N ILE A 310 9.56 19.59 4.64
CA ILE A 310 10.48 20.27 5.54
C ILE A 310 11.93 20.18 5.04
N ARG A 311 12.23 19.16 4.24
CA ARG A 311 13.55 19.04 3.62
C ARG A 311 13.81 20.19 2.64
N ILE A 312 12.79 20.54 1.86
CA ILE A 312 12.89 21.60 0.87
C ILE A 312 12.84 23.00 1.51
N GLN A 313 11.88 23.22 2.40
CA GLN A 313 11.71 24.52 3.05
C GLN A 313 12.71 24.78 4.18
N HIS A 314 13.12 23.75 4.89
CA HIS A 314 14.02 23.93 6.05
C HIS A 314 15.12 22.87 6.16
N PRO A 315 16.12 22.94 5.25
CA PRO A 315 17.25 21.99 5.20
C PRO A 315 18.04 21.84 6.52
N ASP A 316 18.33 22.96 7.20
CA ASP A 316 19.10 22.91 8.44
C ASP A 316 18.36 22.13 9.52
N TYR A 317 17.11 22.52 9.78
CA TYR A 317 16.26 21.80 10.73
C TYR A 317 16.15 20.33 10.34
N TRP A 318 15.91 20.09 9.05
CA TRP A 318 15.80 18.73 8.53
C TRP A 318 17.03 17.90 8.87
N ASN A 319 18.21 18.50 8.71
CA ASN A 319 19.48 17.82 9.00
C ASN A 319 19.59 17.31 10.43
N LYS A 320 19.00 18.03 11.37
CA LYS A 320 19.02 17.66 12.79
C LYS A 320 18.00 16.57 13.14
N VAL A 321 16.83 16.60 12.48
CA VAL A 321 15.73 15.66 12.80
C VAL A 321 15.69 14.37 11.94
N LYS A 322 16.29 14.42 10.75
CA LYS A 322 16.36 13.28 9.82
C LYS A 322 16.32 11.90 10.47
N GLY A 323 17.14 11.69 11.48
CA GLY A 323 17.27 10.39 12.14
C GLY A 323 16.11 9.96 13.04
N HIS A 324 15.21 10.89 13.35
CA HIS A 324 14.05 10.59 14.20
C HIS A 324 12.85 11.42 13.77
N TRP A 325 12.55 11.35 12.47
CA TRP A 325 11.45 12.14 11.90
C TRP A 325 10.08 11.71 12.38
N ASP A 326 9.86 10.41 12.59
CA ASP A 326 8.57 9.93 13.08
C ASP A 326 8.26 10.49 14.47
N GLU A 327 9.27 10.57 15.33
CA GLU A 327 9.12 11.16 16.67
C GLU A 327 8.63 12.60 16.53
N ILE A 328 9.28 13.36 15.65
CA ILE A 328 8.91 14.75 15.40
C ILE A 328 7.53 14.84 14.76
N PHE A 329 7.25 13.93 13.84
CA PHE A 329 5.96 13.88 13.16
C PHE A 329 4.82 13.73 14.17
N SER A 330 5.01 12.85 15.15
CA SER A 330 4.02 12.63 16.20
C SER A 330 3.71 13.88 17.02
N GLU A 331 4.72 14.73 17.19
CA GLU A 331 4.60 15.97 17.96
C GLU A 331 4.19 17.16 17.10
N THR A 332 4.08 16.95 15.79
CA THR A 332 3.79 18.04 14.86
C THR A 332 2.33 18.48 14.92
N ASP A 333 2.10 19.78 14.72
CA ASP A 333 0.76 20.35 14.69
C ASP A 333 0.38 20.70 13.26
N PHE A 334 -0.92 20.64 12.97
CA PHE A 334 -1.41 20.92 11.63
C PHE A 334 -2.50 21.99 11.68
N LYS A 335 -2.43 22.92 10.74
CA LYS A 335 -3.40 23.98 10.59
C LYS A 335 -3.90 23.91 9.16
N TYR A 336 -5.20 23.71 9.00
CA TYR A 336 -5.78 23.51 7.68
C TYR A 336 -6.55 24.74 7.20
N ASP A 337 -6.47 24.99 5.90
CA ASP A 337 -7.26 26.04 5.27
C ASP A 337 -7.90 25.40 4.05
N ILE A 338 -9.14 24.99 4.21
CA ILE A 338 -9.84 24.25 3.17
C ILE A 338 -10.89 25.15 2.51
N SER A 339 -10.82 25.23 1.18
CA SER A 339 -11.73 26.07 0.42
C SER A 339 -12.34 25.28 -0.74
N PHE A 340 -13.64 25.08 -0.69
CA PHE A 340 -14.36 24.34 -1.71
C PHE A 340 -15.13 25.34 -2.58
N LYS A 341 -15.36 24.97 -3.83
CA LYS A 341 -16.09 25.82 -4.77
C LYS A 341 -16.99 24.98 -5.67
N ILE A 342 -18.31 25.18 -5.54
CA ILE A 342 -19.26 24.50 -6.41
C ILE A 342 -19.30 25.25 -7.75
N ILE A 343 -19.37 24.51 -8.85
CA ILE A 343 -19.44 25.10 -10.19
C ILE A 343 -20.61 24.49 -10.96
N ASN A 344 -21.67 24.12 -10.23
CA ASN A 344 -22.83 23.44 -10.79
C ASN A 344 -24.12 24.14 -10.39
#